data_7CSK
#
_entry.id   7CSK
#
loop_
_entity.id
_entity.type
_entity.pdbx_description
1 polymer "DNA (5'-D(*TP*TP*GP*GP*GP*GP*T)-3')"
2 non-polymer DOXORUBICIN
#
_entity_poly.entity_id   1
_entity_poly.type   'polydeoxyribonucleotide'
_entity_poly.pdbx_seq_one_letter_code
;(DT)(DT)(DG)(DG)(DG)(DG)(DT)
;
_entity_poly.pdbx_strand_id   A,B,C,D
#